data_7OEL
#
_entry.id   7OEL
#
_cell.length_a   63.903
_cell.length_b   63.903
_cell.length_c   225.547
_cell.angle_alpha   90.000
_cell.angle_beta   90.000
_cell.angle_gamma   120.000
#
_symmetry.space_group_name_H-M   'P 32 2 1'
#
loop_
_entity.id
_entity.type
_entity.pdbx_description
1 polymer 'N6-adenosine-methyltransferase catalytic subunit'
2 polymer 'N6-adenosine-methyltransferase non-catalytic subunit'
3 non-polymer ~{N}-[[(3~{R})-1-[6-(3~{H}-benzimidazol-4-ylmethylamino)pyrimidin-4-yl]-3-oxidanyl-piperidin-3-yl]methyl]-4-[(4,4-dimethylpiperidin-1-yl)methyl]benzamide
4 non-polymer 'ACETATE ION'
5 water water
#
loop_
_entity_poly.entity_id
_entity_poly.type
_entity_poly.pdbx_seq_one_letter_code
_entity_poly.pdbx_strand_id
1 'polypeptide(L)'
;MGHHHHHHSSGRENLYFQGALTQSVGGDSSADRLFPPQWICCDIRYLDVSILGKFAVVMADPPWDIHMELPYGTLTDDEM
RRLNIPVLQDDGFLFLWVTGRAMELGRECLNLWGYERVDEIIWVKTNQLQRIIRTGRTGHWLNHGKEHCLVGVKGNPQGF
NQGLDCDVIVAEVRSTSHKPDEIYGMIERLSPGTRKIELFGRPHNVQPNWITLGNQLDGIHLLDPDVVARFKQRYPDGII
SKPKNL
;
A
2 'polypeptide(L)'
;MLKGTQSLNPHNDYCQHFVDTGHRPQNFIRDVGLADRFEEYPKLRELIRLKDELIAKSNTPPMYLQADIEAFDIRELTPK
FDVILLEPPLEEYYRETGITANEKCWTWDDIMKLEIDEIAAPRSFIFLWCGSGEGLDLGRVCLRKWGYRRCEDICWIKTN
KNNPGKTKTLDPKAVFQRTKEHCLMGIKGTVKRSTDGDFIHANVDIDLIITEEPEIGNIEKPVEIFHIIEHFCLGRRRLH
LFGRDSTIRPGWLTVGPTLTNSNYNAETYASYFSAPNSYLTGCTEEIERL
;
B
#
loop_
_chem_comp.id
_chem_comp.type
_chem_comp.name
_chem_comp.formula
ACT non-polymer 'ACETATE ION' 'C2 H3 O2 -1'
VA8 non-polymer ~{N}-[[(3~{R})-1-[6-(3~{H}-benzimidazol-4-ylmethylamino)pyrimidin-4-yl]-3-oxidanyl-piperidin-3-yl]methyl]-4-[(4,4-dimethylpiperidin-1-yl)methyl]benzamide 'C33 H42 N8 O2'
#
# COMPACT_ATOMS: atom_id res chain seq x y z
N LEU A 34 29.86 -11.54 13.72
CA LEU A 34 29.73 -11.95 15.12
C LEU A 34 28.28 -11.79 15.61
N PHE A 35 27.75 -12.91 16.11
CA PHE A 35 26.31 -13.10 16.31
C PHE A 35 25.62 -12.07 17.19
N PRO A 36 26.14 -11.66 18.36
CA PRO A 36 25.31 -10.87 19.31
C PRO A 36 25.06 -9.45 18.80
N PRO A 37 24.10 -8.73 19.40
CA PRO A 37 23.77 -7.37 18.91
C PRO A 37 24.98 -6.45 18.90
N GLN A 38 25.03 -5.59 17.87
CA GLN A 38 26.05 -4.56 17.73
C GLN A 38 25.37 -3.27 17.34
N TRP A 39 25.96 -2.14 17.70
CA TRP A 39 25.37 -0.87 17.32
C TRP A 39 26.43 0.22 17.28
N ILE A 40 26.08 1.32 16.60
CA ILE A 40 26.91 2.52 16.52
C ILE A 40 26.00 3.72 16.72
N CYS A 41 26.19 4.46 17.80
CA CYS A 41 25.56 5.78 17.90
C CYS A 41 26.25 6.73 16.93
N CYS A 42 25.47 7.37 16.06
CA CYS A 42 26.06 8.15 14.99
C CYS A 42 24.98 8.96 14.27
N ASP A 43 25.44 9.97 13.54
CA ASP A 43 24.60 10.69 12.59
C ASP A 43 24.70 9.94 11.28
N ILE A 44 23.61 9.31 10.86
CA ILE A 44 23.68 8.44 9.71
C ILE A 44 24.01 9.23 8.45
N ARG A 45 23.76 10.54 8.46
CA ARG A 45 24.18 11.36 7.33
C ARG A 45 25.69 11.34 7.16
N TYR A 46 26.45 11.19 8.25
CA TYR A 46 27.88 11.43 8.22
C TYR A 46 28.74 10.19 8.44
N LEU A 47 28.19 9.11 8.99
CA LEU A 47 28.96 7.89 9.11
C LEU A 47 29.42 7.40 7.74
N ASP A 48 30.67 6.95 7.69
CA ASP A 48 31.21 6.26 6.51
C ASP A 48 30.79 4.79 6.59
N VAL A 49 29.67 4.45 5.95
CA VAL A 49 29.14 3.09 6.06
C VAL A 49 29.92 2.09 5.21
N SER A 50 30.92 2.55 4.45
CA SER A 50 31.73 1.58 3.73
C SER A 50 32.55 0.70 4.67
N ILE A 51 32.69 1.10 5.94
CA ILE A 51 33.44 0.28 6.89
C ILE A 51 32.64 -0.92 7.41
N LEU A 52 31.33 -0.98 7.11
CA LEU A 52 30.46 -1.97 7.73
C LEU A 52 30.38 -3.27 6.94
N GLY A 53 30.88 -3.32 5.71
CA GLY A 53 30.76 -4.53 4.93
C GLY A 53 29.42 -4.59 4.21
N LYS A 54 29.08 -5.79 3.73
CA LYS A 54 27.88 -6.05 2.95
C LYS A 54 26.87 -6.86 3.75
N PHE A 55 25.58 -6.64 3.48
CA PHE A 55 24.51 -7.21 4.29
C PHE A 55 23.47 -7.90 3.42
N ALA A 56 22.94 -9.01 3.92
CA ALA A 56 21.87 -9.69 3.22
C ALA A 56 20.57 -8.91 3.27
N VAL A 57 20.33 -8.20 4.37
CA VAL A 57 19.09 -7.43 4.58
C VAL A 57 19.48 -6.10 5.20
N VAL A 58 18.86 -5.04 4.67
CA VAL A 58 18.91 -3.70 5.21
C VAL A 58 17.48 -3.33 5.63
N MET A 59 17.33 -2.76 6.81
CA MET A 59 16.02 -2.21 7.15
C MET A 59 16.20 -0.78 7.64
N ALA A 60 15.30 0.11 7.20
CA ALA A 60 15.36 1.51 7.59
C ALA A 60 13.99 2.01 7.98
N ASP A 61 13.95 2.79 9.06
CA ASP A 61 12.72 3.44 9.52
C ASP A 61 13.01 4.93 9.61
N PRO A 62 13.06 5.63 8.47
CA PRO A 62 13.65 6.98 8.46
C PRO A 62 12.75 8.00 9.12
N PRO A 63 13.33 9.07 9.69
CA PRO A 63 12.53 10.22 10.15
C PRO A 63 12.22 11.15 9.00
N TRP A 64 11.25 10.72 8.17
CA TRP A 64 10.87 11.44 6.98
C TRP A 64 10.39 12.85 7.32
N ASP A 65 10.72 13.80 6.44
CA ASP A 65 10.34 15.20 6.63
C ASP A 65 8.92 15.38 6.11
N ILE A 66 7.96 15.01 6.95
CA ILE A 66 6.55 15.04 6.57
C ILE A 66 5.73 15.76 7.63
N GLY A 73 14.28 15.31 14.94
CA GLY A 73 15.50 15.17 14.18
C GLY A 73 15.33 14.51 12.82
N THR A 74 14.58 15.16 11.92
CA THR A 74 14.27 14.58 10.63
C THR A 74 15.44 14.76 9.65
N LEU A 75 15.32 14.09 8.51
CA LEU A 75 16.18 14.33 7.36
C LEU A 75 15.35 14.94 6.23
N THR A 76 15.96 15.87 5.50
CA THR A 76 15.32 16.42 4.32
C THR A 76 15.26 15.36 3.24
N ASP A 77 14.41 15.61 2.24
CA ASP A 77 14.30 14.68 1.12
C ASP A 77 15.65 14.47 0.46
N ASP A 78 16.44 15.53 0.31
CA ASP A 78 17.75 15.41 -0.32
C ASP A 78 18.71 14.60 0.53
N GLU A 79 18.72 14.83 1.84
CA GLU A 79 19.57 14.02 2.73
C GLU A 79 19.19 12.55 2.62
N MET A 80 17.90 12.25 2.53
CA MET A 80 17.47 10.87 2.34
C MET A 80 17.99 10.31 1.01
N ARG A 81 17.84 11.08 -0.07
CA ARG A 81 18.32 10.61 -1.37
C ARG A 81 19.81 10.33 -1.34
N ARG A 82 20.57 11.15 -0.63
CA ARG A 82 22.03 11.06 -0.65
C ARG A 82 22.60 10.00 0.29
N LEU A 83 21.78 9.34 1.12
CA LEU A 83 22.30 8.28 1.97
C LEU A 83 23.03 7.24 1.13
N ASN A 84 24.22 6.84 1.55
CA ASN A 84 25.00 5.89 0.77
C ASN A 84 24.50 4.47 0.97
N ILE A 85 23.18 4.26 0.80
CA ILE A 85 22.64 2.90 0.82
C ILE A 85 23.30 2.00 -0.21
N PRO A 86 23.65 2.46 -1.43
CA PRO A 86 24.17 1.51 -2.44
C PRO A 86 25.37 0.68 -2.02
N VAL A 87 26.22 1.16 -1.10
CA VAL A 87 27.39 0.38 -0.72
C VAL A 87 27.09 -0.73 0.27
N LEU A 88 25.90 -0.74 0.87
CA LEU A 88 25.58 -1.69 1.94
C LEU A 88 25.29 -3.10 1.45
N GLN A 89 24.92 -3.31 0.18
CA GLN A 89 24.55 -4.63 -0.30
C GLN A 89 25.03 -4.83 -1.73
N ASP A 90 25.27 -6.08 -2.09
CA ASP A 90 25.39 -6.49 -3.49
C ASP A 90 24.17 -7.25 -3.97
N ASP A 91 23.71 -8.22 -3.18
CA ASP A 91 22.50 -8.99 -3.50
C ASP A 91 21.73 -9.18 -2.20
N GLY A 92 20.52 -8.63 -2.14
CA GLY A 92 19.69 -8.83 -0.97
C GLY A 92 18.48 -7.91 -1.00
N PHE A 93 17.85 -7.78 0.16
CA PHE A 93 16.56 -7.12 0.28
C PHE A 93 16.67 -5.91 1.19
N LEU A 94 15.83 -4.90 0.93
CA LEU A 94 15.75 -3.75 1.81
C LEU A 94 14.31 -3.57 2.24
N PHE A 95 14.15 -3.30 3.53
CA PHE A 95 12.85 -3.06 4.15
C PHE A 95 12.78 -1.60 4.56
N LEU A 96 11.83 -0.85 3.98
CA LEU A 96 11.80 0.61 4.14
C LEU A 96 10.41 1.03 4.62
N TRP A 97 10.33 1.45 5.88
CA TRP A 97 9.06 1.89 6.43
C TRP A 97 8.70 3.25 5.85
N VAL A 98 7.41 3.45 5.53
CA VAL A 98 6.95 4.66 4.87
C VAL A 98 5.57 5.04 5.41
N THR A 99 5.24 6.33 5.31
CA THR A 99 3.94 6.84 5.69
C THR A 99 3.72 8.16 4.95
N GLY A 100 2.45 8.52 4.77
CA GLY A 100 2.12 9.78 4.13
C GLY A 100 2.82 9.94 2.80
N ARG A 101 3.40 11.11 2.54
CA ARG A 101 4.00 11.28 1.23
C ARG A 101 5.30 10.51 1.06
N ALA A 102 5.83 9.91 2.13
CA ALA A 102 6.97 9.02 1.96
C ALA A 102 6.58 7.70 1.32
N MET A 103 5.28 7.40 1.17
CA MET A 103 4.92 6.27 0.31
C MET A 103 5.47 6.48 -1.09
N GLU A 104 5.47 7.73 -1.56
CA GLU A 104 6.05 8.09 -2.84
C GLU A 104 7.54 8.41 -2.73
N LEU A 105 7.93 9.26 -1.78
CA LEU A 105 9.33 9.60 -1.64
C LEU A 105 10.17 8.36 -1.35
N GLY A 106 9.64 7.44 -0.53
CA GLY A 106 10.36 6.22 -0.27
C GLY A 106 10.54 5.36 -1.50
N ARG A 107 9.52 5.31 -2.38
CA ARG A 107 9.72 4.63 -3.67
C ARG A 107 10.81 5.28 -4.50
N GLU A 108 10.83 6.62 -4.54
CA GLU A 108 11.91 7.31 -5.24
C GLU A 108 13.29 6.92 -4.69
N CYS A 109 13.45 6.99 -3.36
CA CYS A 109 14.72 6.62 -2.74
C CYS A 109 15.09 5.18 -3.07
N LEU A 110 14.16 4.26 -2.86
CA LEU A 110 14.37 2.87 -3.17
C LEU A 110 14.95 2.71 -4.58
N ASN A 111 14.32 3.33 -5.58
CA ASN A 111 14.80 3.19 -6.95
C ASN A 111 16.14 3.90 -7.14
N LEU A 112 16.27 5.12 -6.61
CA LEU A 112 17.53 5.84 -6.74
C LEU A 112 18.68 5.04 -6.16
N TRP A 113 18.46 4.38 -5.01
CA TRP A 113 19.51 3.58 -4.41
C TRP A 113 19.77 2.28 -5.15
N GLY A 114 19.01 1.98 -6.20
CA GLY A 114 19.25 0.77 -6.98
C GLY A 114 18.39 -0.44 -6.64
N TYR A 115 17.23 -0.25 -6.04
CA TYR A 115 16.37 -1.38 -5.71
C TYR A 115 15.12 -1.35 -6.58
N GLU A 116 14.52 -2.52 -6.79
CA GLU A 116 13.17 -2.65 -7.35
C GLU A 116 12.22 -3.05 -6.23
N ARG A 117 11.08 -2.36 -6.12
CA ARG A 117 10.11 -2.72 -5.09
C ARG A 117 9.36 -3.97 -5.53
N VAL A 118 9.46 -5.05 -4.74
CA VAL A 118 8.86 -6.32 -5.11
C VAL A 118 7.82 -6.82 -4.12
N ASP A 119 7.62 -6.13 -3.00
CA ASP A 119 6.58 -6.44 -2.00
C ASP A 119 6.31 -5.24 -1.14
N GLU A 120 5.21 -5.33 -0.40
CA GLU A 120 4.86 -4.26 0.50
C GLU A 120 4.14 -4.89 1.68
N ILE A 121 4.81 -4.94 2.81
CA ILE A 121 4.22 -5.46 4.04
C ILE A 121 3.31 -4.38 4.65
N ILE A 122 2.16 -4.77 5.15
CA ILE A 122 1.43 -3.84 5.98
C ILE A 122 1.26 -4.44 7.36
N TRP A 123 1.47 -3.61 8.36
CA TRP A 123 1.28 -3.96 9.75
C TRP A 123 -0.08 -3.42 10.17
N VAL A 124 -1.03 -4.31 10.40
CA VAL A 124 -2.32 -3.92 10.95
C VAL A 124 -2.15 -3.74 12.46
N LYS A 125 -2.45 -2.53 12.95
CA LYS A 125 -2.22 -2.18 14.33
C LYS A 125 -3.39 -2.60 15.20
N THR A 126 -3.14 -3.42 16.22
CA THR A 126 -4.19 -3.84 17.13
C THR A 126 -3.85 -3.45 18.56
N ASN A 127 -4.87 -3.50 19.41
CA ASN A 127 -4.66 -3.46 20.86
C ASN A 127 -4.43 -4.88 21.36
N GLN A 128 -4.42 -5.04 22.69
CA GLN A 128 -4.17 -6.35 23.28
C GLN A 128 -5.30 -7.34 23.01
N LEU A 129 -6.48 -6.85 22.60
CA LEU A 129 -7.61 -7.71 22.27
C LEU A 129 -7.78 -7.93 20.77
N GLN A 130 -6.72 -7.71 19.98
CA GLN A 130 -6.76 -7.90 18.52
C GLN A 130 -7.86 -7.08 17.84
N ARG A 131 -8.13 -5.89 18.36
CA ARG A 131 -9.02 -4.97 17.68
C ARG A 131 -8.18 -3.88 17.03
N ILE A 132 -8.57 -3.47 15.82
CA ILE A 132 -7.82 -2.45 15.11
C ILE A 132 -7.93 -1.12 15.84
N ILE A 133 -6.80 -0.44 16.01
CA ILE A 133 -6.79 0.91 16.59
C ILE A 133 -7.68 1.86 15.78
N GLY A 139 -3.06 11.74 6.37
CA GLY A 139 -4.27 11.14 5.80
C GLY A 139 -5.52 11.63 6.50
N HIS A 140 -6.18 12.62 5.89
CA HIS A 140 -7.32 13.29 6.49
C HIS A 140 -8.65 12.82 5.92
N TRP A 141 -8.66 11.84 5.03
CA TRP A 141 -9.92 11.33 4.53
C TRP A 141 -10.38 10.08 5.25
N LEU A 142 -9.44 9.20 5.62
CA LEU A 142 -9.73 7.97 6.32
C LEU A 142 -8.90 7.87 7.59
N ASN A 143 -9.43 7.17 8.59
CA ASN A 143 -8.58 6.79 9.70
C ASN A 143 -7.60 5.71 9.23
N HIS A 144 -6.45 5.63 9.88
CA HIS A 144 -5.37 4.75 9.41
C HIS A 144 -5.25 3.57 10.35
N GLY A 145 -5.48 2.37 9.83
CA GLY A 145 -5.34 1.18 10.63
C GLY A 145 -4.04 0.43 10.47
N LYS A 146 -3.08 0.97 9.70
CA LYS A 146 -1.93 0.18 9.28
C LYS A 146 -0.71 1.08 9.07
N GLU A 147 0.48 0.45 9.04
CA GLU A 147 1.76 1.05 8.66
C GLU A 147 2.25 0.25 7.48
N HIS A 148 2.95 0.90 6.56
CA HIS A 148 3.46 0.24 5.37
C HIS A 148 4.97 0.06 5.45
N CYS A 149 5.47 -1.07 4.92
CA CYS A 149 6.91 -1.31 4.81
C CYS A 149 7.20 -1.82 3.40
N LEU A 150 7.89 -1.00 2.60
CA LEU A 150 8.25 -1.41 1.25
C LEU A 150 9.36 -2.44 1.30
N VAL A 151 9.34 -3.38 0.35
CA VAL A 151 10.36 -4.43 0.25
C VAL A 151 11.03 -4.27 -1.11
N GLY A 152 12.32 -3.92 -1.10
CA GLY A 152 13.08 -3.75 -2.33
C GLY A 152 14.07 -4.89 -2.50
N VAL A 153 14.39 -5.22 -3.75
CA VAL A 153 15.42 -6.20 -4.06
C VAL A 153 16.52 -5.54 -4.88
N LYS A 154 17.76 -5.93 -4.58
CA LYS A 154 18.94 -5.51 -5.34
C LYS A 154 19.68 -6.76 -5.78
N GLY A 155 20.18 -6.76 -7.02
CA GLY A 155 20.88 -7.93 -7.49
C GLY A 155 19.96 -9.12 -7.63
N ASN A 156 20.53 -10.32 -7.43
CA ASN A 156 19.79 -11.57 -7.53
C ASN A 156 20.06 -12.42 -6.29
N PRO A 157 19.31 -12.19 -5.21
CA PRO A 157 19.58 -12.93 -3.96
C PRO A 157 19.35 -14.43 -4.14
N GLN A 158 20.32 -15.22 -3.67
CA GLN A 158 20.26 -16.67 -3.77
C GLN A 158 20.22 -17.28 -2.37
N GLY A 159 19.40 -18.29 -2.19
CA GLY A 159 19.36 -19.01 -0.93
C GLY A 159 18.45 -18.41 0.13
N PHE A 160 17.59 -17.48 -0.24
CA PHE A 160 16.63 -16.91 0.69
C PHE A 160 15.37 -17.75 0.65
N ASN A 161 14.61 -17.73 1.74
CA ASN A 161 13.41 -18.54 1.84
C ASN A 161 12.17 -17.69 1.57
N GLN A 162 12.00 -17.38 0.29
CA GLN A 162 10.91 -16.52 -0.12
C GLN A 162 9.60 -17.26 -0.02
N GLY A 163 8.55 -16.56 0.43
CA GLY A 163 7.22 -17.15 0.50
C GLY A 163 6.91 -17.91 1.77
N LEU A 164 7.82 -17.90 2.74
CA LEU A 164 7.55 -18.49 4.04
C LEU A 164 6.52 -17.68 4.80
N ASP A 165 6.63 -16.35 4.79
CA ASP A 165 5.65 -15.62 5.57
C ASP A 165 4.74 -14.91 4.58
N CYS A 166 3.67 -14.31 5.08
CA CYS A 166 2.82 -13.50 4.20
C CYS A 166 3.06 -12.02 4.49
N ASP A 167 2.41 -11.16 3.70
CA ASP A 167 2.74 -9.74 3.72
C ASP A 167 1.84 -8.92 4.63
N VAL A 168 1.16 -9.55 5.59
CA VAL A 168 0.37 -8.83 6.58
C VAL A 168 0.86 -9.19 7.97
N ILE A 169 1.14 -8.17 8.78
CA ILE A 169 1.49 -8.34 10.20
C ILE A 169 0.31 -7.86 11.02
N VAL A 170 -0.12 -8.68 11.98
CA VAL A 170 -1.15 -8.28 12.93
C VAL A 170 -0.48 -8.29 14.30
N ALA A 171 -0.29 -7.12 14.88
CA ALA A 171 0.51 -7.02 16.09
C ALA A 171 0.16 -5.74 16.84
N GLU A 172 0.41 -5.77 18.15
CA GLU A 172 -0.03 -4.71 19.05
C GLU A 172 0.84 -3.48 18.94
N VAL A 173 0.20 -2.31 18.99
CA VAL A 173 0.94 -1.06 19.08
C VAL A 173 1.67 -0.98 20.41
N ARG A 174 2.90 -0.47 20.39
CA ARG A 174 3.58 -0.16 21.64
C ARG A 174 3.86 1.34 21.68
N SER A 175 5.05 1.76 22.11
CA SER A 175 5.26 3.20 22.23
C SER A 175 5.20 3.86 20.85
N THR A 176 5.18 5.18 20.86
CA THR A 176 5.05 5.93 19.63
C THR A 176 6.19 5.58 18.68
N SER A 177 5.82 5.16 17.48
CA SER A 177 6.77 4.91 16.42
C SER A 177 7.64 3.68 16.68
N HIS A 178 7.18 2.78 17.55
CA HIS A 178 7.86 1.52 17.80
C HIS A 178 7.34 0.47 16.81
N LYS A 179 8.23 -0.06 15.97
CA LYS A 179 7.82 -1.06 14.99
C LYS A 179 7.63 -2.43 15.64
N PRO A 180 6.79 -3.30 15.06
CA PRO A 180 6.55 -4.60 15.70
C PRO A 180 7.75 -5.52 15.57
N ASP A 181 8.03 -6.28 16.63
CA ASP A 181 9.20 -7.17 16.61
C ASP A 181 9.01 -8.35 15.66
N GLU A 182 7.77 -8.58 15.22
CA GLU A 182 7.51 -9.66 14.26
C GLU A 182 8.36 -9.53 13.01
N ILE A 183 8.71 -8.30 12.61
CA ILE A 183 9.45 -8.12 11.37
C ILE A 183 10.84 -8.77 11.45
N TYR A 184 11.45 -8.79 12.63
CA TYR A 184 12.76 -9.47 12.74
C TYR A 184 12.62 -10.97 12.54
N GLY A 185 11.52 -11.57 13.02
CA GLY A 185 11.32 -13.00 12.82
C GLY A 185 11.07 -13.33 11.35
N MET A 186 10.21 -12.56 10.69
CA MET A 186 10.02 -12.73 9.25
C MET A 186 11.34 -12.60 8.51
N ILE A 187 12.17 -11.65 8.91
CA ILE A 187 13.43 -11.44 8.20
C ILE A 187 14.40 -12.57 8.51
N GLU A 188 14.42 -13.05 9.74
CA GLU A 188 15.32 -14.17 10.08
C GLU A 188 14.91 -15.45 9.35
N ARG A 189 13.61 -15.71 9.23
CA ARG A 189 13.22 -16.90 8.48
C ARG A 189 13.53 -16.74 7.00
N LEU A 190 13.39 -15.52 6.46
CA LEU A 190 13.73 -15.27 5.07
C LEU A 190 15.21 -15.49 4.80
N SER A 191 16.08 -15.09 5.74
CA SER A 191 17.53 -15.11 5.53
C SER A 191 18.20 -15.49 6.85
N PRO A 192 18.14 -16.76 7.23
CA PRO A 192 18.65 -17.16 8.55
C PRO A 192 20.17 -17.08 8.61
N GLY A 193 20.66 -16.54 9.75
CA GLY A 193 22.07 -16.54 10.06
C GLY A 193 22.90 -15.45 9.40
N THR A 194 22.37 -14.72 8.41
CA THR A 194 23.13 -13.71 7.67
C THR A 194 23.24 -12.40 8.45
N ARG A 195 24.16 -11.54 8.00
CA ARG A 195 24.36 -10.22 8.59
C ARG A 195 23.32 -9.23 8.10
N LYS A 196 22.81 -8.41 9.03
CA LYS A 196 21.72 -7.50 8.71
C LYS A 196 22.09 -6.15 9.33
N ILE A 197 21.56 -5.07 8.75
CA ILE A 197 21.83 -3.75 9.28
C ILE A 197 20.53 -2.97 9.35
N GLU A 198 20.30 -2.31 10.48
CA GLU A 198 19.13 -1.45 10.68
C GLU A 198 19.57 -0.01 10.80
N LEU A 199 18.91 0.88 10.03
CA LEU A 199 19.16 2.31 10.05
C LEU A 199 18.05 3.05 10.79
N PHE A 200 18.44 4.02 11.62
CA PHE A 200 17.53 4.83 12.43
C PHE A 200 16.85 4.02 13.51
N GLY A 201 17.52 2.99 14.01
CA GLY A 201 16.99 2.20 15.10
C GLY A 201 17.26 2.84 16.46
N ARG A 202 16.59 2.29 17.47
CA ARG A 202 16.70 2.77 18.84
C ARG A 202 17.24 1.62 19.68
N PRO A 203 17.62 1.85 20.94
CA PRO A 203 18.13 0.74 21.77
C PRO A 203 17.27 -0.52 21.74
N HIS A 204 15.94 -0.40 21.82
CA HIS A 204 15.12 -1.60 21.82
C HIS A 204 15.15 -2.35 20.49
N ASN A 205 15.78 -1.78 19.47
CA ASN A 205 15.84 -2.46 18.18
C ASN A 205 17.03 -3.41 18.05
N VAL A 206 18.02 -3.35 18.94
CA VAL A 206 19.22 -4.16 18.72
C VAL A 206 18.84 -5.64 18.83
N GLN A 207 19.44 -6.45 17.96
CA GLN A 207 19.06 -7.85 17.76
C GLN A 207 20.30 -8.62 17.38
N PRO A 208 20.38 -9.91 17.71
CA PRO A 208 21.49 -10.72 17.22
C PRO A 208 21.47 -10.79 15.69
N ASN A 209 22.65 -10.88 15.10
CA ASN A 209 22.90 -10.85 13.67
C ASN A 209 22.68 -9.47 13.07
N TRP A 210 22.27 -8.47 13.86
CA TRP A 210 22.04 -7.14 13.35
C TRP A 210 23.07 -6.16 13.89
N ILE A 211 23.44 -5.19 13.05
CA ILE A 211 24.15 -3.99 13.46
C ILE A 211 23.14 -2.86 13.38
N THR A 212 22.99 -2.11 14.46
CA THR A 212 21.98 -1.05 14.52
C THR A 212 22.65 0.33 14.51
N LEU A 213 22.16 1.23 13.67
CA LEU A 213 22.68 2.59 13.60
C LEU A 213 21.57 3.57 13.95
N GLY A 214 21.92 4.59 14.73
CA GLY A 214 20.99 5.63 15.09
C GLY A 214 21.61 6.59 16.09
N ASN A 215 21.06 7.79 16.25
CA ASN A 215 21.70 8.80 17.09
C ASN A 215 21.20 8.79 18.53
N GLN A 216 20.35 7.83 18.91
CA GLN A 216 19.91 7.68 20.29
C GLN A 216 20.39 6.36 20.89
N LEU A 217 21.30 5.67 20.21
CA LEU A 217 21.93 4.51 20.80
C LEU A 217 23.00 4.96 21.79
N ASP A 218 23.39 4.04 22.66
CA ASP A 218 24.35 4.33 23.72
C ASP A 218 25.73 3.93 23.25
N GLY A 219 26.48 4.88 22.73
CA GLY A 219 27.85 4.55 22.38
C GLY A 219 27.99 3.65 21.15
N ILE A 220 29.12 2.95 21.13
CA ILE A 220 29.50 2.07 20.03
C ILE A 220 29.86 0.71 20.60
N HIS A 221 29.21 -0.34 20.11
CA HIS A 221 29.38 -1.71 20.60
C HIS A 221 29.57 -2.61 19.38
N LEU A 222 30.81 -2.95 19.08
CA LEU A 222 31.16 -3.68 17.86
C LEU A 222 32.00 -4.89 18.24
N LEU A 223 31.64 -6.04 17.67
CA LEU A 223 32.22 -7.32 18.07
C LEU A 223 32.79 -8.07 16.88
N ASP A 224 32.21 -7.86 15.71
CA ASP A 224 32.75 -8.42 14.47
C ASP A 224 34.17 -7.91 14.24
N PRO A 225 35.16 -8.80 14.19
CA PRO A 225 36.56 -8.32 14.07
C PRO A 225 36.83 -7.54 12.79
N ASP A 226 36.21 -7.92 11.67
CA ASP A 226 36.44 -7.18 10.43
C ASP A 226 35.90 -5.76 10.56
N VAL A 227 34.71 -5.61 11.15
CA VAL A 227 34.17 -4.28 11.38
C VAL A 227 35.04 -3.50 12.35
N VAL A 228 35.46 -4.14 13.46
CA VAL A 228 36.27 -3.45 14.45
C VAL A 228 37.55 -2.92 13.80
N ALA A 229 38.22 -3.78 13.02
CA ALA A 229 39.46 -3.37 12.36
C ALA A 229 39.21 -2.17 11.45
N ARG A 230 38.21 -2.26 10.56
CA ARG A 230 37.97 -1.16 9.63
C ARG A 230 37.48 0.09 10.36
N PHE A 231 36.80 -0.06 11.50
CA PHE A 231 36.37 1.10 12.25
C PHE A 231 37.56 1.82 12.89
N LYS A 232 38.45 1.06 13.54
CA LYS A 232 39.61 1.68 14.15
C LYS A 232 40.45 2.42 13.10
N GLN A 233 40.63 1.80 11.93
CA GLN A 233 41.40 2.43 10.85
C GLN A 233 40.75 3.73 10.37
N ARG A 234 39.43 3.70 10.15
CA ARG A 234 38.74 4.89 9.64
C ARG A 234 38.52 5.94 10.72
N TYR A 235 38.36 5.53 11.97
CA TYR A 235 38.08 6.43 13.08
C TYR A 235 39.04 6.15 14.23
N PRO A 236 40.34 6.40 14.02
CA PRO A 236 41.34 6.03 15.06
C PRO A 236 41.13 6.69 16.40
N ASP A 237 40.53 7.88 16.45
CA ASP A 237 40.20 8.53 17.71
C ASP A 237 38.73 8.36 18.10
N GLY A 238 37.99 7.47 17.43
CA GLY A 238 36.64 7.14 17.85
C GLY A 238 35.59 8.18 17.56
N ILE A 239 35.88 9.20 16.75
CA ILE A 239 34.94 10.29 16.50
C ILE A 239 34.48 10.23 15.05
N ILE A 240 33.25 10.70 14.81
CA ILE A 240 32.58 10.61 13.52
C ILE A 240 32.00 11.98 13.20
N SER A 241 32.66 12.73 12.30
CA SER A 241 32.47 14.18 12.20
C SER A 241 31.74 14.63 10.94
N LYS A 242 32.39 14.55 9.78
CA LYS A 242 31.83 15.18 8.58
C LYS A 242 32.44 14.65 7.29
N ASN B 12 2.01 -13.37 21.47
CA ASN B 12 1.62 -14.23 20.36
C ASN B 12 2.08 -13.67 19.01
N ASP B 13 2.96 -14.41 18.34
CA ASP B 13 3.49 -14.01 17.05
C ASP B 13 2.64 -14.67 15.97
N TYR B 14 1.69 -13.90 15.41
CA TYR B 14 0.85 -14.47 14.36
C TYR B 14 1.61 -14.74 13.06
N CYS B 15 2.78 -14.11 12.87
CA CYS B 15 3.59 -14.46 11.70
C CYS B 15 4.13 -15.88 11.84
N GLN B 16 4.74 -16.19 13.00
CA GLN B 16 5.16 -17.56 13.29
C GLN B 16 3.98 -18.52 13.20
N HIS B 17 2.83 -18.13 13.77
CA HIS B 17 1.64 -18.98 13.67
C HIS B 17 1.26 -19.27 12.22
N PHE B 18 1.32 -18.25 11.35
CA PHE B 18 1.04 -18.53 9.94
C PHE B 18 2.04 -19.52 9.36
N VAL B 19 3.31 -19.37 9.74
CA VAL B 19 4.32 -20.31 9.24
C VAL B 19 4.03 -21.72 9.75
N ASP B 20 3.52 -21.82 10.99
CA ASP B 20 3.29 -23.12 11.62
C ASP B 20 2.01 -23.79 11.09
N THR B 21 0.97 -23.00 10.80
CA THR B 21 -0.36 -23.55 10.57
C THR B 21 -1.00 -23.15 9.25
N GLY B 22 -0.53 -22.11 8.56
CA GLY B 22 -1.17 -21.64 7.34
C GLY B 22 -2.31 -20.67 7.56
N HIS B 23 -2.69 -20.40 8.80
CA HIS B 23 -3.70 -19.38 9.10
C HIS B 23 -3.07 -18.00 9.01
N ARG B 24 -3.59 -17.15 8.13
CA ARG B 24 -3.04 -15.82 7.97
C ARG B 24 -3.25 -14.99 9.23
N PRO B 25 -2.31 -14.09 9.55
CA PRO B 25 -2.48 -13.26 10.75
C PRO B 25 -3.79 -12.49 10.78
N GLN B 26 -4.29 -12.03 9.62
CA GLN B 26 -5.56 -11.31 9.58
C GLN B 26 -6.75 -12.15 10.01
N ASN B 27 -6.63 -13.49 10.00
CA ASN B 27 -7.71 -14.34 10.51
C ASN B 27 -8.05 -14.06 11.96
N PHE B 28 -7.15 -13.43 12.72
CA PHE B 28 -7.35 -13.27 14.15
C PHE B 28 -7.70 -11.85 14.54
N ILE B 29 -7.80 -10.93 13.57
CA ILE B 29 -8.39 -9.63 13.86
C ILE B 29 -9.84 -9.82 14.29
N ARG B 30 -10.20 -9.18 15.41
CA ARG B 30 -11.55 -9.28 15.95
C ARG B 30 -12.44 -8.15 15.44
N ASP B 31 -13.74 -8.44 15.33
CA ASP B 31 -14.73 -7.45 14.89
C ASP B 31 -14.40 -6.94 13.49
N VAL B 32 -14.19 -7.87 12.56
CA VAL B 32 -13.66 -7.56 11.24
C VAL B 32 -14.41 -8.30 10.14
N ARG B 45 -21.34 7.72 18.04
CA ARG B 45 -22.10 6.48 18.12
C ARG B 45 -21.95 5.68 16.84
N GLU B 46 -22.86 4.72 16.66
CA GLU B 46 -23.01 4.02 15.39
C GLU B 46 -24.24 4.58 14.66
N LEU B 47 -24.10 5.82 14.19
CA LEU B 47 -25.14 6.51 13.45
C LEU B 47 -24.78 6.66 11.98
N ILE B 48 -23.98 5.72 11.45
CA ILE B 48 -23.60 5.72 10.03
C ILE B 48 -24.79 5.53 9.11
N ARG B 49 -25.96 5.18 9.64
CA ARG B 49 -27.19 5.15 8.85
C ARG B 49 -27.72 6.58 8.76
N LEU B 50 -28.96 6.74 8.30
CA LEU B 50 -29.54 8.06 8.09
C LEU B 50 -28.72 8.86 7.07
N LYS B 51 -27.40 8.89 7.27
CA LYS B 51 -26.47 9.28 6.21
C LYS B 51 -26.52 8.30 5.06
N ASP B 52 -26.40 7.00 5.36
CA ASP B 52 -26.70 5.98 4.36
C ASP B 52 -28.05 6.23 3.70
N GLU B 53 -29.04 6.67 4.49
CA GLU B 53 -30.38 6.91 3.96
C GLU B 53 -30.41 8.14 3.07
N LEU B 54 -29.70 9.19 3.47
CA LEU B 54 -29.57 10.38 2.62
C LEU B 54 -28.86 10.04 1.31
N ILE B 55 -27.78 9.25 1.40
CA ILE B 55 -27.12 8.77 0.18
C ILE B 55 -28.11 8.07 -0.73
N ALA B 56 -28.93 7.18 -0.17
CA ALA B 56 -29.85 6.42 -1.01
C ALA B 56 -30.93 7.32 -1.61
N LYS B 57 -31.40 8.32 -0.86
CA LYS B 57 -32.36 9.27 -1.43
C LYS B 57 -31.70 10.13 -2.51
N SER B 58 -30.44 10.50 -2.30
CA SER B 58 -29.74 11.34 -3.26
C SER B 58 -29.37 10.59 -4.55
N ASN B 59 -29.19 9.26 -4.49
CA ASN B 59 -28.65 8.50 -5.62
C ASN B 59 -29.44 8.72 -6.90
N THR B 60 -28.71 8.92 -8.00
CA THR B 60 -29.30 8.84 -9.33
C THR B 60 -29.71 7.41 -9.61
N PRO B 61 -30.60 7.20 -10.58
CA PRO B 61 -30.87 5.85 -11.03
C PRO B 61 -29.59 5.20 -11.53
N PRO B 62 -29.46 3.89 -11.36
CA PRO B 62 -28.28 3.21 -11.92
C PRO B 62 -28.30 3.37 -13.44
N MET B 63 -27.14 3.70 -14.02
CA MET B 63 -26.93 3.75 -15.46
C MET B 63 -25.70 2.94 -15.86
N TYR B 64 -25.73 2.45 -17.09
CA TYR B 64 -24.73 1.47 -17.44
C TYR B 64 -24.60 1.41 -18.95
N LEU B 65 -23.39 1.08 -19.40
CA LEU B 65 -23.13 1.10 -20.82
C LEU B 65 -22.11 0.03 -21.14
N GLN B 66 -22.46 -0.87 -22.04
CA GLN B 66 -21.51 -1.80 -22.61
C GLN B 66 -20.62 -1.03 -23.56
N ALA B 67 -19.32 -1.11 -23.33
CA ALA B 67 -18.43 -0.34 -24.17
C ALA B 67 -17.09 -1.04 -24.13
N ASP B 68 -16.44 -1.17 -25.28
CA ASP B 68 -15.13 -1.76 -25.18
C ASP B 68 -14.20 -0.56 -24.99
N ILE B 69 -13.72 -0.39 -23.75
CA ILE B 69 -12.99 0.79 -23.31
C ILE B 69 -11.70 1.05 -24.12
N GLU B 70 -11.02 -0.01 -24.62
CA GLU B 70 -9.84 0.24 -25.47
C GLU B 70 -10.17 0.89 -26.82
N ALA B 71 -11.29 0.51 -27.45
CA ALA B 71 -11.69 1.10 -28.74
C ALA B 71 -12.67 2.25 -28.58
N PHE B 72 -13.07 2.54 -27.36
CA PHE B 72 -14.13 3.50 -27.08
C PHE B 72 -13.50 4.85 -26.79
N ASP B 73 -14.03 5.89 -27.44
CA ASP B 73 -13.57 7.24 -27.14
C ASP B 73 -14.17 7.65 -25.81
N ILE B 74 -13.35 7.65 -24.76
CA ILE B 74 -13.85 7.91 -23.41
C ILE B 74 -14.50 9.28 -23.30
N ARG B 75 -14.18 10.20 -24.22
CA ARG B 75 -14.76 11.54 -24.17
C ARG B 75 -16.27 11.54 -24.37
N GLU B 76 -16.84 10.44 -24.90
CA GLU B 76 -18.28 10.35 -25.08
C GLU B 76 -19.02 10.25 -23.76
N LEU B 77 -18.32 9.94 -22.68
CA LEU B 77 -18.89 9.87 -21.34
C LEU B 77 -18.88 11.26 -20.73
N THR B 78 -20.04 11.89 -20.67
CA THR B 78 -20.20 13.21 -20.09
C THR B 78 -21.38 13.18 -19.13
N PRO B 79 -21.46 14.12 -18.18
CA PRO B 79 -20.48 15.19 -17.95
C PRO B 79 -19.24 14.67 -17.23
N LYS B 80 -18.30 15.56 -16.92
CA LYS B 80 -17.11 15.18 -16.18
C LYS B 80 -17.50 14.68 -14.80
N PHE B 81 -16.74 13.73 -14.28
CA PHE B 81 -17.15 13.00 -13.10
C PHE B 81 -16.53 13.54 -11.82
N ASP B 82 -17.28 13.39 -10.72
CA ASP B 82 -16.78 13.74 -9.40
C ASP B 82 -15.94 12.63 -8.82
N VAL B 83 -16.30 11.38 -9.11
CA VAL B 83 -15.63 10.20 -8.59
C VAL B 83 -15.52 9.20 -9.73
N ILE B 84 -14.33 8.62 -9.91
CA ILE B 84 -14.10 7.56 -10.89
C ILE B 84 -13.55 6.38 -10.11
N LEU B 85 -14.21 5.23 -10.24
CA LEU B 85 -13.68 3.96 -9.72
C LEU B 85 -13.18 3.15 -10.90
N LEU B 86 -11.89 2.82 -10.88
CA LEU B 86 -11.25 2.20 -12.03
C LEU B 86 -10.76 0.82 -11.64
N GLU B 87 -11.29 -0.22 -12.30
CA GLU B 87 -11.05 -1.61 -11.90
C GLU B 87 -10.58 -2.44 -13.10
N PRO B 88 -9.49 -2.03 -13.74
CA PRO B 88 -9.02 -2.77 -14.94
C PRO B 88 -8.74 -4.22 -14.61
N PRO B 89 -9.10 -5.14 -15.50
CA PRO B 89 -8.87 -6.57 -15.22
C PRO B 89 -7.40 -6.98 -15.40
N LEU B 90 -6.67 -7.04 -14.29
CA LEU B 90 -5.25 -7.39 -14.33
C LEU B 90 -5.06 -8.91 -14.48
N GLU B 91 -4.04 -9.29 -15.26
CA GLU B 91 -3.71 -10.71 -15.42
C GLU B 91 -3.51 -11.39 -14.07
N GLU B 92 -2.91 -10.68 -13.11
CA GLU B 92 -2.65 -11.28 -11.80
C GLU B 92 -3.94 -11.74 -11.12
N TYR B 93 -5.09 -11.17 -11.48
CA TYR B 93 -6.35 -11.62 -10.90
C TYR B 93 -6.72 -13.03 -11.36
N TYR B 94 -6.19 -13.48 -12.48
CA TYR B 94 -6.47 -14.81 -13.03
C TYR B 94 -5.25 -15.71 -12.81
N ARG B 95 -5.07 -16.11 -11.55
CA ARG B 95 -4.01 -17.06 -11.21
C ARG B 95 -4.26 -18.37 -11.94
N GLU B 96 -5.23 -19.14 -11.47
CA GLU B 96 -5.65 -20.37 -12.16
C GLU B 96 -6.87 -20.11 -13.02
N THR B 97 -6.68 -19.26 -14.03
CA THR B 97 -7.77 -18.87 -14.94
C THR B 97 -7.25 -18.14 -16.17
N LYS B 104 -10.27 -10.59 -21.86
CA LYS B 104 -9.19 -9.69 -22.27
C LYS B 104 -8.58 -8.98 -21.06
N CYS B 105 -7.36 -9.37 -20.69
CA CYS B 105 -6.68 -8.73 -19.57
C CYS B 105 -6.02 -7.41 -19.99
N TRP B 106 -5.96 -6.48 -19.04
CA TRP B 106 -5.39 -5.16 -19.26
C TRP B 106 -4.02 -5.09 -18.60
N THR B 107 -3.00 -4.68 -19.35
CA THR B 107 -1.68 -4.41 -18.80
C THR B 107 -1.61 -2.98 -18.27
N TRP B 108 -0.56 -2.71 -17.49
CA TRP B 108 -0.40 -1.33 -17.05
C TRP B 108 -0.02 -0.43 -18.22
N ASP B 109 0.53 -1.01 -19.30
CA ASP B 109 0.73 -0.26 -20.54
C ASP B 109 -0.62 0.24 -21.07
N ASP B 110 -1.60 -0.66 -21.17
CA ASP B 110 -2.96 -0.30 -21.57
C ASP B 110 -3.55 0.75 -20.64
N ILE B 111 -3.46 0.52 -19.34
CA ILE B 111 -4.14 1.37 -18.37
C ILE B 111 -3.56 2.77 -18.40
N MET B 112 -2.22 2.86 -18.44
CA MET B 112 -1.57 4.16 -18.40
C MET B 112 -1.90 5.01 -19.61
N LYS B 113 -2.36 4.40 -20.70
CA LYS B 113 -2.69 5.14 -21.90
C LYS B 113 -4.15 5.54 -21.96
N LEU B 114 -4.96 5.17 -20.95
CA LEU B 114 -6.30 5.73 -20.83
C LEU B 114 -6.22 7.23 -20.57
N GLU B 115 -7.14 7.98 -21.15
CA GLU B 115 -7.13 9.44 -21.03
C GLU B 115 -8.08 9.87 -19.91
N ILE B 116 -7.82 9.42 -18.69
CA ILE B 116 -8.75 9.63 -17.59
C ILE B 116 -8.90 11.11 -17.26
N ASP B 117 -7.84 11.89 -17.42
CA ASP B 117 -7.94 13.32 -17.17
C ASP B 117 -8.98 13.99 -18.05
N GLU B 118 -9.32 13.41 -19.20
CA GLU B 118 -10.28 14.03 -20.12
C GLU B 118 -11.72 13.93 -19.63
N ILE B 119 -12.00 13.03 -18.69
CA ILE B 119 -13.36 12.88 -18.17
C ILE B 119 -13.46 13.20 -16.68
N ALA B 120 -12.38 13.59 -16.02
CA ALA B 120 -12.42 13.93 -14.61
C ALA B 120 -12.74 15.41 -14.44
N ALA B 121 -13.65 15.71 -13.50
CA ALA B 121 -13.94 17.11 -13.19
C ALA B 121 -12.70 17.77 -12.55
N PRO B 122 -12.56 19.09 -12.70
CA PRO B 122 -11.36 19.76 -12.17
C PRO B 122 -11.12 19.51 -10.70
N ARG B 123 -12.18 19.39 -9.91
CA ARG B 123 -12.09 18.91 -8.54
C ARG B 123 -12.77 17.54 -8.55
N SER B 124 -11.99 16.48 -8.30
CA SER B 124 -12.58 15.16 -8.38
C SER B 124 -11.63 14.15 -7.77
N PHE B 125 -12.09 12.90 -7.71
CA PHE B 125 -11.42 11.85 -6.97
C PHE B 125 -11.35 10.59 -7.82
N ILE B 126 -10.34 9.77 -7.56
CA ILE B 126 -10.22 8.51 -8.26
C ILE B 126 -9.90 7.41 -7.25
N PHE B 127 -10.43 6.21 -7.51
CA PHE B 127 -10.14 5.02 -6.73
C PHE B 127 -9.68 3.97 -7.72
N LEU B 128 -8.40 3.60 -7.66
CA LEU B 128 -7.80 2.71 -8.64
C LEU B 128 -7.39 1.42 -7.93
N TRP B 129 -8.02 0.30 -8.30
CA TRP B 129 -7.60 -1.02 -7.84
C TRP B 129 -6.30 -1.40 -8.54
N CYS B 130 -5.24 -1.63 -7.76
CA CYS B 130 -3.88 -1.79 -8.26
C CYS B 130 -3.33 -3.19 -8.08
N GLY B 131 -4.06 -4.08 -7.40
CA GLY B 131 -3.53 -5.43 -7.18
C GLY B 131 -2.53 -5.50 -6.06
N SER B 132 -1.50 -6.31 -6.22
CA SER B 132 -0.55 -6.54 -5.15
C SER B 132 0.89 -6.58 -5.65
N GLY B 133 1.12 -6.33 -6.95
CA GLY B 133 2.46 -6.40 -7.49
C GLY B 133 2.89 -5.09 -8.11
N GLU B 134 3.28 -5.11 -9.39
CA GLU B 134 3.83 -3.91 -10.02
C GLU B 134 2.80 -2.77 -10.08
N GLY B 135 1.50 -3.07 -9.97
CA GLY B 135 0.50 -2.01 -9.96
C GLY B 135 0.66 -1.03 -8.81
N LEU B 136 1.26 -1.45 -7.70
CA LEU B 136 1.44 -0.51 -6.59
C LEU B 136 2.35 0.64 -6.98
N ASP B 137 3.23 0.42 -7.95
CA ASP B 137 4.08 1.47 -8.48
C ASP B 137 3.47 2.11 -9.72
N LEU B 138 3.08 1.29 -10.70
CA LEU B 138 2.52 1.80 -11.95
C LEU B 138 1.19 2.49 -11.72
N GLY B 139 0.39 2.04 -10.73
CA GLY B 139 -0.82 2.76 -10.42
C GLY B 139 -0.55 4.17 -9.92
N ARG B 140 0.56 4.35 -9.21
CA ARG B 140 0.92 5.70 -8.76
C ARG B 140 1.38 6.56 -9.92
N VAL B 141 2.13 5.99 -10.87
CA VAL B 141 2.47 6.71 -12.09
C VAL B 141 1.20 7.18 -12.81
N CYS B 142 0.20 6.29 -12.91
CA CYS B 142 -1.07 6.63 -13.58
C CYS B 142 -1.75 7.81 -12.89
N LEU B 143 -1.97 7.72 -11.57
CA LEU B 143 -2.52 8.85 -10.83
C LEU B 143 -1.83 10.17 -11.15
N ARG B 144 -0.50 10.19 -11.10
CA ARG B 144 0.20 11.44 -11.42
C ARG B 144 0.02 11.80 -12.88
N LYS B 145 0.04 10.80 -13.77
CA LYS B 145 -0.15 11.08 -15.19
C LYS B 145 -1.48 11.77 -15.46
N TRP B 146 -2.53 11.36 -14.74
CA TRP B 146 -3.88 11.89 -14.92
C TRP B 146 -4.13 13.13 -14.08
N GLY B 147 -3.14 13.59 -13.31
CA GLY B 147 -3.25 14.83 -12.58
C GLY B 147 -3.71 14.70 -11.15
N TYR B 148 -3.68 13.50 -10.57
CA TYR B 148 -4.07 13.31 -9.18
C TYR B 148 -2.85 13.21 -8.29
N ARG B 149 -3.06 13.49 -7.01
CA ARG B 149 -2.11 13.10 -5.96
C ARG B 149 -2.78 12.07 -5.06
N ARG B 150 -2.02 11.07 -4.65
CA ARG B 150 -2.60 10.04 -3.81
C ARG B 150 -2.81 10.58 -2.40
N CYS B 151 -4.03 10.44 -1.88
CA CYS B 151 -4.29 10.86 -0.51
C CYS B 151 -4.56 9.71 0.44
N GLU B 152 -4.96 8.53 -0.06
CA GLU B 152 -5.11 7.37 0.80
C GLU B 152 -4.70 6.12 0.05
N ASP B 153 -4.35 5.10 0.81
CA ASP B 153 -4.01 3.79 0.29
C ASP B 153 -4.90 2.82 1.05
N ILE B 154 -5.93 2.28 0.39
CA ILE B 154 -6.93 1.44 1.02
C ILE B 154 -6.56 0.00 0.75
N CYS B 155 -6.40 -0.78 1.80
N CYS B 155 -6.38 -0.78 1.81
CA CYS B 155 -5.89 -2.13 1.66
CA CYS B 155 -5.91 -2.16 1.68
C CYS B 155 -7.01 -3.14 1.92
C CYS B 155 -7.05 -3.12 1.91
N TRP B 156 -7.28 -3.99 0.93
CA TRP B 156 -8.22 -5.10 1.09
C TRP B 156 -7.41 -6.30 1.59
N ILE B 157 -7.59 -6.63 2.86
CA ILE B 157 -6.91 -7.74 3.52
C ILE B 157 -7.78 -8.97 3.39
N LYS B 158 -7.21 -10.07 2.90
CA LYS B 158 -7.97 -11.28 2.63
C LYS B 158 -7.66 -12.35 3.68
N THR B 159 -8.68 -12.77 4.43
CA THR B 159 -8.49 -13.86 5.37
C THR B 159 -8.61 -15.22 4.65
N ASN B 160 -8.08 -16.27 5.29
CA ASN B 160 -8.23 -17.62 4.75
C ASN B 160 -8.78 -18.58 5.82
N LYS B 161 -9.78 -18.11 6.58
CA LYS B 161 -10.36 -18.90 7.66
C LYS B 161 -10.89 -20.25 7.17
N ASN B 162 -11.40 -20.30 5.95
CA ASN B 162 -12.01 -21.51 5.41
C ASN B 162 -11.02 -22.40 4.69
N ASN B 163 -9.84 -21.91 4.37
CA ASN B 163 -8.88 -22.79 3.72
C ASN B 163 -7.48 -22.51 4.22
N PRO B 164 -7.18 -22.70 5.52
CA PRO B 164 -5.80 -22.49 5.97
C PRO B 164 -4.78 -23.35 5.26
N GLY B 165 -5.19 -24.52 4.79
CA GLY B 165 -4.28 -25.41 4.07
C GLY B 165 -4.39 -25.26 2.56
N LYS B 166 -4.09 -24.06 2.06
CA LYS B 166 -4.07 -23.79 0.61
C LYS B 166 -2.90 -22.84 0.37
N THR B 167 -1.73 -23.42 0.09
CA THR B 167 -0.54 -22.62 -0.17
C THR B 167 -0.74 -21.77 -1.43
N LYS B 168 0.02 -20.68 -1.51
CA LYS B 168 -0.08 -19.73 -2.61
C LYS B 168 1.07 -19.93 -3.58
N THR B 169 0.75 -19.98 -4.87
CA THR B 169 1.77 -19.98 -5.92
C THR B 169 2.26 -18.55 -6.12
N LEU B 170 3.51 -18.29 -5.78
CA LEU B 170 4.03 -16.94 -5.67
C LEU B 170 4.53 -16.40 -7.00
N ASP B 171 4.28 -15.09 -7.23
CA ASP B 171 5.02 -14.26 -8.18
C ASP B 171 6.50 -14.57 -8.09
N PRO B 172 7.17 -14.80 -9.23
CA PRO B 172 8.64 -14.97 -9.20
C PRO B 172 9.39 -13.91 -8.41
N LYS B 173 9.00 -12.62 -8.51
CA LYS B 173 9.65 -11.58 -7.74
C LYS B 173 9.22 -11.52 -6.29
N ALA B 174 8.13 -12.18 -5.92
CA ALA B 174 7.60 -12.02 -4.57
C ALA B 174 8.57 -12.55 -3.53
N VAL B 175 8.62 -11.86 -2.40
CA VAL B 175 9.41 -12.25 -1.24
C VAL B 175 8.49 -12.94 -0.25
N PHE B 176 7.22 -12.53 -0.24
CA PHE B 176 6.24 -13.02 0.73
C PHE B 176 4.99 -13.51 -0.01
N GLN B 177 4.19 -14.30 0.69
CA GLN B 177 2.87 -14.65 0.16
C GLN B 177 2.00 -13.39 0.19
N ARG B 178 1.35 -13.11 -0.94
CA ARG B 178 0.57 -11.90 -1.10
C ARG B 178 -0.88 -12.18 -0.74
N THR B 179 -1.38 -11.50 0.30
CA THR B 179 -2.68 -11.79 0.91
C THR B 179 -3.59 -10.57 0.96
N LYS B 180 -3.34 -9.60 0.09
CA LYS B 180 -4.03 -8.32 0.08
C LYS B 180 -3.94 -7.69 -1.29
N GLU B 181 -4.83 -6.72 -1.52
CA GLU B 181 -4.82 -5.86 -2.70
C GLU B 181 -4.98 -4.42 -2.26
N HIS B 182 -4.54 -3.49 -3.10
CA HIS B 182 -4.57 -2.08 -2.75
C HIS B 182 -5.47 -1.32 -3.69
N CYS B 183 -6.28 -0.43 -3.14
CA CYS B 183 -7.09 0.51 -3.93
C CYS B 183 -6.61 1.90 -3.56
N LEU B 184 -5.94 2.57 -4.49
CA LEU B 184 -5.34 3.89 -4.23
C LEU B 184 -6.37 4.98 -4.47
N MET B 185 -6.47 5.90 -3.52
CA MET B 185 -7.37 7.04 -3.62
C MET B 185 -6.59 8.28 -4.03
N GLY B 186 -7.03 8.94 -5.10
CA GLY B 186 -6.35 10.13 -5.60
C GLY B 186 -7.32 11.30 -5.65
N ILE B 187 -6.78 12.50 -5.49
CA ILE B 187 -7.53 13.75 -5.47
C ILE B 187 -6.94 14.70 -6.49
N LYS B 188 -7.79 15.48 -7.14
CA LYS B 188 -7.24 16.55 -7.99
C LYS B 188 -8.06 17.80 -7.75
N GLY B 189 -7.39 18.93 -7.82
CA GLY B 189 -7.99 20.19 -7.47
C GLY B 189 -7.92 20.46 -5.99
N THR B 190 -8.64 21.50 -5.58
CA THR B 190 -8.76 21.89 -4.17
C THR B 190 -9.96 21.19 -3.53
N VAL B 191 -9.87 19.86 -3.49
CA VAL B 191 -10.92 18.99 -2.95
C VAL B 191 -12.22 19.18 -3.72
N VAL B 204 -15.38 8.55 9.16
CA VAL B 204 -15.89 7.43 9.95
C VAL B 204 -15.23 6.10 9.58
N ASP B 205 -14.63 6.05 8.39
CA ASP B 205 -14.10 4.81 7.83
C ASP B 205 -12.58 4.73 8.02
N ILE B 206 -12.08 3.50 7.98
CA ILE B 206 -10.64 3.24 8.06
C ILE B 206 -10.18 2.74 6.70
N ASP B 207 -8.86 2.76 6.50
CA ASP B 207 -8.29 2.40 5.21
C ASP B 207 -8.05 0.90 5.06
N LEU B 208 -8.89 0.07 5.69
CA LEU B 208 -8.78 -1.38 5.62
C LEU B 208 -10.13 -1.98 5.32
N ILE B 209 -10.16 -2.95 4.41
CA ILE B 209 -11.32 -3.81 4.18
C ILE B 209 -10.87 -5.23 4.42
N ILE B 210 -11.58 -5.96 5.27
CA ILE B 210 -11.20 -7.32 5.65
C ILE B 210 -12.34 -8.26 5.30
N THR B 211 -12.10 -9.19 4.35
CA THR B 211 -13.04 -10.23 4.00
C THR B 211 -12.27 -11.50 3.69
N GLU B 212 -13.02 -12.61 3.59
CA GLU B 212 -12.40 -13.88 3.25
C GLU B 212 -12.01 -13.90 1.78
N GLU B 213 -11.01 -14.69 1.45
CA GLU B 213 -10.43 -14.62 0.13
C GLU B 213 -11.49 -15.28 -0.76
N PRO B 214 -11.92 -14.66 -1.85
CA PRO B 214 -12.94 -15.29 -2.69
C PRO B 214 -12.43 -16.57 -3.34
N GLU B 215 -13.38 -17.36 -3.83
CA GLU B 215 -13.06 -18.59 -4.53
C GLU B 215 -12.22 -18.30 -5.77
N ILE B 216 -11.41 -19.28 -6.19
CA ILE B 216 -10.58 -19.12 -7.37
C ILE B 216 -11.45 -18.74 -8.57
N GLY B 217 -10.92 -17.88 -9.43
CA GLY B 217 -11.65 -17.39 -10.58
C GLY B 217 -12.67 -16.31 -10.28
N ASN B 218 -12.87 -15.96 -9.02
CA ASN B 218 -13.74 -14.85 -8.64
C ASN B 218 -12.88 -13.59 -8.59
N ILE B 219 -13.16 -12.63 -9.49
CA ILE B 219 -12.37 -11.42 -9.60
C ILE B 219 -12.99 -10.24 -8.87
N GLU B 220 -14.16 -10.43 -8.28
CA GLU B 220 -14.91 -9.31 -7.69
C GLU B 220 -14.14 -8.69 -6.53
N LYS B 221 -14.23 -7.38 -6.43
CA LYS B 221 -13.71 -6.62 -5.30
C LYS B 221 -14.80 -6.44 -4.26
N PRO B 222 -14.43 -6.23 -3.01
CA PRO B 222 -15.47 -6.11 -1.96
C PRO B 222 -16.35 -4.89 -2.16
N VAL B 223 -17.66 -5.11 -2.06
CA VAL B 223 -18.62 -4.02 -2.22
C VAL B 223 -18.42 -2.94 -1.16
N GLU B 224 -17.72 -3.27 -0.08
CA GLU B 224 -17.39 -2.27 0.94
C GLU B 224 -16.68 -1.05 0.36
N ILE B 225 -15.98 -1.21 -0.76
CA ILE B 225 -15.30 -0.05 -1.37
C ILE B 225 -16.34 1.00 -1.77
N PHE B 226 -17.52 0.56 -2.23
CA PHE B 226 -18.55 1.53 -2.59
C PHE B 226 -19.03 2.30 -1.36
N HIS B 227 -19.17 1.62 -0.23
CA HIS B 227 -19.58 2.27 1.01
C HIS B 227 -18.58 3.34 1.43
N ILE B 228 -17.28 2.98 1.46
CA ILE B 228 -16.26 3.96 1.78
C ILE B 228 -16.38 5.17 0.84
N ILE B 229 -16.44 4.91 -0.46
CA ILE B 229 -16.50 6.01 -1.43
C ILE B 229 -17.72 6.89 -1.18
N GLU B 230 -18.89 6.27 -1.04
CA GLU B 230 -20.12 7.05 -0.93
C GLU B 230 -20.17 7.83 0.38
N HIS B 231 -19.59 7.28 1.46
CA HIS B 231 -19.52 8.00 2.73
C HIS B 231 -18.64 9.24 2.69
N PHE B 232 -17.78 9.39 1.68
CA PHE B 232 -16.98 10.61 1.58
C PHE B 232 -17.80 11.83 1.15
N CYS B 233 -18.98 11.61 0.56
CA CYS B 233 -19.87 12.69 0.12
C CYS B 233 -19.19 13.63 -0.88
N LEU B 234 -18.70 13.04 -1.97
CA LEU B 234 -17.84 13.74 -2.93
C LEU B 234 -18.56 14.30 -4.14
N GLY B 235 -19.87 14.15 -4.22
CA GLY B 235 -20.61 14.49 -5.42
C GLY B 235 -21.28 13.28 -6.02
N ARG B 236 -22.11 13.55 -7.01
CA ARG B 236 -23.06 12.55 -7.46
C ARG B 236 -22.76 11.99 -8.85
N ARG B 237 -21.81 12.57 -9.59
CA ARG B 237 -21.44 12.03 -10.90
CA ARG B 237 -21.44 12.04 -10.90
C ARG B 237 -20.36 10.99 -10.64
N ARG B 238 -20.77 9.72 -10.57
CA ARG B 238 -19.88 8.64 -10.15
C ARG B 238 -19.77 7.63 -11.28
N LEU B 239 -18.54 7.35 -11.68
CA LEU B 239 -18.24 6.44 -12.80
C LEU B 239 -17.47 5.23 -12.29
N HIS B 240 -17.90 4.04 -12.70
CA HIS B 240 -17.19 2.80 -12.43
C HIS B 240 -16.74 2.21 -13.76
N LEU B 241 -15.45 2.32 -14.07
CA LEU B 241 -14.92 1.77 -15.30
C LEU B 241 -14.48 0.33 -15.09
N PHE B 242 -14.83 -0.53 -16.06
CA PHE B 242 -14.65 -1.99 -15.98
C PHE B 242 -15.53 -2.63 -14.91
N GLY B 243 -16.67 -2.01 -14.60
CA GLY B 243 -17.70 -2.70 -13.84
C GLY B 243 -18.36 -3.78 -14.69
N ARG B 244 -19.31 -4.50 -14.08
CA ARG B 244 -19.96 -5.66 -14.69
C ARG B 244 -21.45 -5.59 -14.36
N ASP B 245 -22.24 -6.47 -14.99
CA ASP B 245 -23.65 -6.55 -14.61
C ASP B 245 -23.78 -6.68 -13.11
N SER B 246 -22.88 -7.47 -12.49
CA SER B 246 -22.93 -7.77 -11.07
C SER B 246 -22.54 -6.60 -10.17
N THR B 247 -21.98 -5.51 -10.71
CA THR B 247 -21.59 -4.38 -9.86
C THR B 247 -22.50 -3.16 -10.05
N ILE B 248 -23.46 -3.22 -10.96
CA ILE B 248 -24.34 -2.07 -11.16
C ILE B 248 -25.04 -1.70 -9.86
N ARG B 249 -25.19 -0.40 -9.63
CA ARG B 249 -25.49 0.14 -8.32
C ARG B 249 -26.17 1.49 -8.49
N PRO B 250 -27.22 1.80 -7.71
CA PRO B 250 -27.81 3.13 -7.80
C PRO B 250 -26.77 4.19 -7.45
N GLY B 251 -26.87 5.32 -8.11
CA GLY B 251 -25.92 6.38 -7.89
C GLY B 251 -24.66 6.27 -8.70
N TRP B 252 -24.54 5.26 -9.56
CA TRP B 252 -23.33 5.00 -10.33
C TRP B 252 -23.67 4.82 -11.79
N LEU B 253 -22.78 5.33 -12.64
CA LEU B 253 -22.72 4.98 -14.05
C LEU B 253 -21.65 3.92 -14.20
N THR B 254 -22.03 2.74 -14.68
CA THR B 254 -21.10 1.61 -14.86
C THR B 254 -20.82 1.40 -16.33
N VAL B 255 -19.53 1.36 -16.69
CA VAL B 255 -19.12 1.21 -18.09
C VAL B 255 -18.10 0.09 -18.17
N GLY B 256 -18.35 -0.88 -19.06
CA GLY B 256 -17.40 -1.97 -19.21
C GLY B 256 -17.71 -2.90 -20.36
N PRO B 257 -16.72 -3.71 -20.78
CA PRO B 257 -16.91 -4.53 -21.98
C PRO B 257 -17.83 -5.72 -21.81
N THR B 258 -18.03 -6.22 -20.60
CA THR B 258 -18.85 -7.42 -20.43
C THR B 258 -20.30 -7.15 -20.06
N LEU B 259 -20.72 -5.88 -20.00
CA LEU B 259 -22.13 -5.64 -19.66
C LEU B 259 -23.02 -6.24 -20.75
N THR B 260 -24.15 -6.81 -20.35
CA THR B 260 -25.03 -7.43 -21.32
C THR B 260 -26.06 -6.45 -21.88
N ASN B 261 -26.31 -5.35 -21.15
CA ASN B 261 -27.34 -4.38 -21.50
C ASN B 261 -26.81 -2.99 -21.21
N SER B 262 -27.43 -2.00 -21.87
CA SER B 262 -27.09 -0.60 -21.70
C SER B 262 -28.38 0.20 -21.56
N ASN B 263 -28.32 1.26 -20.76
CA ASN B 263 -29.39 2.26 -20.75
C ASN B 263 -28.81 3.67 -20.78
N TYR B 264 -27.52 3.81 -21.04
CA TYR B 264 -26.89 5.12 -20.95
C TYR B 264 -27.36 6.03 -22.08
N ASN B 265 -27.76 7.24 -21.70
CA ASN B 265 -28.03 8.33 -22.63
C ASN B 265 -27.40 9.58 -22.05
N ALA B 266 -26.47 10.20 -22.77
CA ALA B 266 -25.72 11.32 -22.21
C ALA B 266 -26.63 12.46 -21.77
N GLU B 267 -27.63 12.78 -22.56
CA GLU B 267 -28.50 13.89 -22.19
C GLU B 267 -29.37 13.53 -21.00
N THR B 268 -29.87 12.30 -20.94
CA THR B 268 -30.60 11.87 -19.74
C THR B 268 -29.70 11.88 -18.52
N TYR B 269 -28.47 11.40 -18.66
CA TYR B 269 -27.57 11.39 -17.51
C TYR B 269 -27.28 12.81 -17.04
N ALA B 270 -26.98 13.72 -17.98
CA ALA B 270 -26.73 15.10 -17.61
C ALA B 270 -27.94 15.73 -16.91
N SER B 271 -29.15 15.33 -17.28
CA SER B 271 -30.33 15.91 -16.66
C SER B 271 -30.43 15.60 -15.17
N TYR B 272 -29.76 14.55 -14.69
CA TYR B 272 -29.78 14.30 -13.25
C TYR B 272 -29.04 15.36 -12.46
N PHE B 273 -28.13 16.09 -13.09
CA PHE B 273 -27.26 17.03 -12.39
C PHE B 273 -27.52 18.48 -12.81
N SER B 274 -28.54 18.73 -13.61
CA SER B 274 -28.86 20.11 -13.97
C SER B 274 -29.40 20.86 -12.76
N ALA B 275 -29.27 22.19 -12.82
CA ALA B 275 -29.76 23.04 -11.74
C ALA B 275 -31.18 22.65 -11.35
N PRO B 276 -31.55 22.75 -10.06
CA PRO B 276 -30.70 23.26 -8.96
C PRO B 276 -29.79 22.20 -8.32
N ASN B 277 -29.51 21.09 -9.02
CA ASN B 277 -28.85 19.95 -8.41
C ASN B 277 -27.38 19.82 -8.81
N SER B 278 -26.75 20.91 -9.25
CA SER B 278 -25.43 20.79 -9.88
C SER B 278 -24.35 20.42 -8.89
N TYR B 279 -24.44 20.89 -7.64
CA TYR B 279 -23.33 20.81 -6.71
C TYR B 279 -23.63 19.96 -5.47
N LEU B 280 -24.67 19.12 -5.53
CA LEU B 280 -25.01 18.30 -4.38
C LEU B 280 -23.89 17.33 -4.07
N THR B 281 -23.67 17.06 -2.78
CA THR B 281 -22.63 16.14 -2.36
C THR B 281 -23.04 14.68 -2.48
N GLY B 282 -24.33 14.41 -2.59
CA GLY B 282 -24.80 13.05 -2.49
C GLY B 282 -25.12 12.61 -1.08
N CYS B 283 -24.93 13.48 -0.09
CA CYS B 283 -25.26 13.18 1.29
C CYS B 283 -26.26 14.17 1.89
N THR B 284 -26.97 14.91 1.07
CA THR B 284 -27.92 15.90 1.58
C THR B 284 -29.30 15.66 0.97
N GLU B 285 -30.29 16.35 1.53
CA GLU B 285 -31.67 16.19 1.10
C GLU B 285 -31.84 16.67 -0.34
N GLU B 286 -32.70 15.99 -1.08
CA GLU B 286 -33.07 16.47 -2.40
C GLU B 286 -33.72 17.84 -2.30
N ILE B 287 -33.59 18.63 -3.36
CA ILE B 287 -34.15 19.98 -3.39
C ILE B 287 -35.61 19.91 -3.82
N GLU B 288 -36.50 20.48 -2.99
CA GLU B 288 -37.95 20.41 -3.20
C GLU B 288 -38.38 20.83 -4.60
C10 VA8 C . 12.17 6.30 13.77
C13 VA8 C . 12.07 6.92 14.98
C17 VA8 C . 16.42 8.32 16.15
C20 VA8 C . 16.50 10.77 14.41
C21 VA8 C . 16.72 8.33 14.60
C01 VA8 C . 5.43 2.98 13.56
C02 VA8 C . 6.63 2.77 12.55
C03 VA8 C . 6.77 1.31 12.14
C04 VA8 C . 7.87 3.12 13.25
C05 VA8 C . 8.22 4.59 13.23
C07 VA8 C . 8.61 6.69 12.13
C08 VA8 C . 9.83 6.78 13.10
C09 VA8 C . 11.09 6.21 12.83
C11 VA8 C . 9.74 7.45 14.31
C12 VA8 C . 10.80 7.51 15.24
C14 VA8 C . 13.25 7.06 15.92
C16 VA8 C . 15.71 7.00 16.47
C18 VA8 C . 15.49 9.50 16.39
C19 VA8 C . 16.07 10.79 15.91
C23 VA8 C . 18.60 9.69 13.39
C25 VA8 C . 20.75 8.89 13.00
C27 VA8 C . 20.29 11.00 12.07
C29 VA8 C . 19.85 13.51 11.17
C30 VA8 C . 19.86 14.65 12.32
C31 VA8 C . 20.71 14.52 13.49
C33 VA8 C . 22.19 13.95 15.21
C35 VA8 C . 20.74 15.55 14.53
C36 VA8 C . 19.89 16.69 14.35
C37 VA8 C . 19.09 16.83 13.26
C38 VA8 C . 19.08 15.81 12.25
C39 VA8 C . 19.00 10.84 12.65
C42 VA8 C . 6.91 5.10 11.32
C43 VA8 C . 6.46 3.61 11.25
N06 VA8 C . 8.23 5.26 11.93
N15 VA8 C . 14.58 6.81 15.58
N22 VA8 C . 17.25 9.57 13.93
N24 VA8 C . 19.54 8.71 13.57
N26 VA8 C . 21.19 9.97 12.28
N28 VA8 C . 20.63 12.19 11.32
N32 VA8 C . 21.66 13.52 13.97
N34 VA8 C . 21.67 15.14 15.56
O40 VA8 C . 17.52 8.35 16.97
O41 VA8 C . 13.08 7.47 17.08
C ACT D . 1.35 10.56 -6.05
O ACT D . 0.57 11.25 -5.35
OXT ACT D . 2.54 10.76 -6.28
CH3 ACT D . 0.73 9.27 -6.75
#